data_6MIB
#
_entry.id   6MIB
#
_cell.length_a   43.714
_cell.length_b   117.635
_cell.length_c   47.775
_cell.angle_alpha   90.00
_cell.angle_beta   114.54
_cell.angle_gamma   90.00
#
_symmetry.space_group_name_H-M   'P 1 21 1'
#
loop_
_entity.id
_entity.type
_entity.pdbx_description
1 polymer 'Integrin-linked protein kinase'
2 polymer Alpha-parvin
3 water water
#
loop_
_entity_poly.entity_id
_entity_poly.type
_entity_poly.pdbx_seq_one_letter_code
_entity_poly.pdbx_strand_id
1 'polypeptide(L)'
;MNKHSGIDFKQLNFLTKLNENHSGEWWKGRWQGNDIVVKVLKVRDWSTRKSRDFNEECPRLRIFSHPNVLPVLGACQSPP
APHPTLITHWMPYGSLYNVLHEGTNFVVDQSQAVKFALDMARGMAFLHTLEPLIPRHALNSRSVMIDEDMTARISMADVK
FSFQSPGRMYAPAWVAPEALQKKPEDTNRRSADMWSFAVLLWELVTREVPFADLSNMEIGMKVALEGLRPTIPPGISPHV
SKLMKICMNEDPAKRPKFDMIVPILEKMQDK
;
A
2 'polypeptide(L)'
;GSHMDAFDTLFDHAPDKLNVVKKTLITFVNKHLNKLNLEVTELETQFADGVYLVLLMGLLEGYFVPLHSFFLTPDSFEQK
VLNVSFAFELMQDGGLEKPKPRPEDIVNCDLKSTLRVLYNLFTKYRNVE
;
B
#
# COMPACT_ATOMS: atom_id res chain seq x y z
N ASN A 2 -17.51 24.44 15.25
CA ASN A 2 -16.25 23.80 14.73
C ASN A 2 -15.29 24.86 14.27
N LYS A 3 -14.00 24.56 14.40
CA LYS A 3 -12.92 25.47 14.01
C LYS A 3 -12.92 25.66 12.48
N HIS A 4 -13.11 24.58 11.70
CA HIS A 4 -13.04 24.63 10.22
C HIS A 4 -14.23 23.88 9.67
N SER A 5 -14.80 24.35 8.57
CA SER A 5 -15.90 23.59 7.99
C SER A 5 -15.33 22.84 6.80
N GLY A 6 -14.08 23.12 6.36
CA GLY A 6 -13.59 22.50 5.14
C GLY A 6 -14.08 23.13 3.85
N ILE A 7 -13.83 22.43 2.76
CA ILE A 7 -14.22 22.86 1.42
C ILE A 7 -15.66 22.39 1.20
N ASP A 8 -16.44 23.21 0.54
CA ASP A 8 -17.83 22.86 0.15
C ASP A 8 -17.81 21.99 -1.14
N PHE A 9 -18.25 20.75 -0.99
CA PHE A 9 -18.30 19.77 -2.06
C PHE A 9 -19.05 20.31 -3.30
N LYS A 10 -20.09 21.10 -3.05
CA LYS A 10 -20.89 21.73 -4.13
C LYS A 10 -20.08 22.65 -5.00
N GLN A 11 -19.01 23.27 -4.48
CA GLN A 11 -18.10 24.09 -5.25
C GLN A 11 -17.11 23.37 -6.19
N LEU A 12 -16.99 22.04 -6.11
CA LEU A 12 -15.99 21.34 -6.87
C LEU A 12 -16.59 21.00 -8.24
N ASN A 13 -15.83 21.31 -9.27
CA ASN A 13 -16.18 20.89 -10.64
C ASN A 13 -15.28 19.73 -11.05
N PHE A 14 -15.87 18.54 -11.21
CA PHE A 14 -15.17 17.31 -11.62
C PHE A 14 -15.02 17.31 -13.16
N LEU A 15 -13.83 17.26 -13.69
CA LEU A 15 -13.57 17.35 -15.14
C LEU A 15 -13.30 16.02 -15.77
N THR A 16 -12.25 15.36 -15.31
CA THR A 16 -11.78 14.10 -15.93
C THR A 16 -11.36 13.14 -14.84
N LYS A 17 -11.74 11.89 -14.95
CA LYS A 17 -11.18 10.86 -14.10
C LYS A 17 -9.70 10.52 -14.48
N LEU A 18 -8.80 10.56 -13.50
CA LEU A 18 -7.41 10.26 -13.67
C LEU A 18 -7.08 8.80 -13.32
N ASN A 19 -7.64 8.30 -12.23
CA ASN A 19 -7.28 7.00 -11.67
C ASN A 19 -8.25 6.52 -10.65
N GLU A 20 -8.21 5.22 -10.39
CA GLU A 20 -8.93 4.60 -9.33
C GLU A 20 -8.15 3.41 -8.84
N ASN A 21 -8.16 3.19 -7.56
CA ASN A 21 -7.56 1.98 -6.99
C ASN A 21 -8.26 1.66 -5.67
N HIS A 22 -7.66 0.75 -4.90
CA HIS A 22 -8.13 0.35 -3.54
C HIS A 22 -8.43 1.53 -2.57
N SER A 23 -7.75 2.64 -2.73
CA SER A 23 -7.88 3.74 -1.78
C SER A 23 -9.01 4.74 -2.18
N GLY A 24 -9.47 4.72 -3.44
CA GLY A 24 -10.43 5.73 -3.93
C GLY A 24 -10.22 6.10 -5.39
N GLU A 25 -10.77 7.25 -5.76
CA GLU A 25 -10.77 7.70 -7.17
C GLU A 25 -10.12 9.08 -7.19
N TRP A 26 -9.38 9.39 -8.26
CA TRP A 26 -8.80 10.71 -8.44
C TRP A 26 -9.41 11.33 -9.68
N TRP A 27 -9.81 12.56 -9.55
CA TRP A 27 -10.37 13.35 -10.63
C TRP A 27 -9.67 14.69 -10.77
N LYS A 28 -9.36 15.08 -12.00
CA LYS A 28 -8.93 16.41 -12.30
C LYS A 28 -10.14 17.31 -12.18
N GLY A 29 -9.97 18.52 -11.58
CA GLY A 29 -11.06 19.43 -11.41
C GLY A 29 -10.65 20.88 -11.31
N ARG A 30 -11.67 21.72 -11.06
CA ARG A 30 -11.52 23.13 -10.80
C ARG A 30 -12.26 23.49 -9.55
N TRP A 31 -11.72 24.44 -8.82
CA TRP A 31 -12.32 24.90 -7.58
C TRP A 31 -11.78 26.28 -7.32
N GLN A 32 -12.68 27.27 -7.19
CA GLN A 32 -12.26 28.66 -6.93
C GLN A 32 -11.07 29.16 -7.76
N GLY A 33 -11.08 28.86 -9.05
CA GLY A 33 -10.03 29.39 -9.90
C GLY A 33 -8.77 28.55 -9.96
N ASN A 34 -8.74 27.46 -9.19
CA ASN A 34 -7.58 26.57 -9.10
C ASN A 34 -7.78 25.30 -9.92
N ASP A 35 -6.71 24.81 -10.56
CA ASP A 35 -6.69 23.48 -11.12
C ASP A 35 -6.31 22.51 -9.96
N ILE A 36 -7.16 21.57 -9.68
CA ILE A 36 -7.03 20.66 -8.58
C ILE A 36 -7.13 19.19 -8.99
N VAL A 37 -6.67 18.32 -8.09
CA VAL A 37 -7.00 16.93 -8.11
C VAL A 37 -7.89 16.65 -6.89
N VAL A 38 -9.02 16.03 -7.12
CA VAL A 38 -9.96 15.61 -6.11
C VAL A 38 -9.75 14.12 -5.82
N LYS A 39 -9.45 13.74 -4.60
CA LYS A 39 -9.33 12.35 -4.18
C LYS A 39 -10.54 11.97 -3.33
N VAL A 40 -11.41 11.11 -3.84
CA VAL A 40 -12.62 10.67 -3.15
C VAL A 40 -12.19 9.38 -2.52
N LEU A 41 -12.14 9.33 -1.21
CA LEU A 41 -11.70 8.13 -0.52
C LEU A 41 -12.73 7.04 -0.46
N LYS A 42 -12.24 5.81 -0.60
CA LYS A 42 -13.08 4.61 -0.47
C LYS A 42 -13.05 4.09 0.95
N VAL A 43 -14.21 3.98 1.60
CA VAL A 43 -14.26 3.52 2.95
C VAL A 43 -15.49 2.63 3.12
N ARG A 44 -15.34 1.56 3.86
CA ARG A 44 -16.49 0.63 4.20
C ARG A 44 -16.89 0.97 5.61
N ASP A 45 -18.19 0.91 5.92
CA ASP A 45 -18.70 1.13 7.30
C ASP A 45 -18.25 2.48 7.86
N TRP A 46 -18.58 3.51 7.11
CA TRP A 46 -18.31 4.88 7.57
C TRP A 46 -19.16 5.10 8.83
N SER A 47 -18.64 5.92 9.74
CA SER A 47 -19.31 6.14 11.01
C SER A 47 -19.05 7.55 11.47
N THR A 48 -19.81 7.98 12.47
CA THR A 48 -19.49 9.27 13.13
C THR A 48 -18.05 9.32 13.65
N ARG A 49 -17.63 8.26 14.33
CA ARG A 49 -16.28 8.17 14.85
C ARG A 49 -15.19 8.37 13.77
N LYS A 50 -15.37 7.65 12.66
CA LYS A 50 -14.39 7.77 11.55
C LYS A 50 -14.43 9.14 10.92
N SER A 51 -15.61 9.73 10.81
CA SER A 51 -15.74 11.09 10.31
C SER A 51 -15.04 12.10 11.20
N ARG A 52 -15.24 11.97 12.52
CA ARG A 52 -14.59 12.82 13.46
C ARG A 52 -13.06 12.67 13.28
N ASP A 53 -12.58 11.44 13.18
CA ASP A 53 -11.17 11.15 12.95
C ASP A 53 -10.59 11.76 11.69
N PHE A 54 -11.30 11.67 10.57
CA PHE A 54 -10.87 12.29 9.32
C PHE A 54 -10.66 13.77 9.54
N ASN A 55 -11.67 14.44 10.18
CA ASN A 55 -11.60 15.86 10.38
C ASN A 55 -10.47 16.28 11.32
N GLU A 56 -10.10 15.45 12.26
CA GLU A 56 -8.98 15.73 13.16
C GLU A 56 -7.61 15.40 12.53
N GLU A 57 -7.57 14.46 11.59
CA GLU A 57 -6.33 13.99 10.93
C GLU A 57 -5.94 14.89 9.75
N CYS A 58 -6.91 15.47 9.05
CA CYS A 58 -6.63 16.33 7.86
C CYS A 58 -5.79 17.58 8.12
N PRO A 59 -5.93 18.26 9.29
CA PRO A 59 -5.19 19.52 9.40
C PRO A 59 -3.66 19.34 9.43
N ARG A 60 -3.17 18.19 9.88
CA ARG A 60 -1.72 17.86 9.87
C ARG A 60 -1.12 17.80 8.45
N LEU A 61 -1.99 17.66 7.46
CA LEU A 61 -1.58 17.49 6.10
C LEU A 61 -1.42 18.84 5.41
N ARG A 62 -1.83 19.90 6.07
CA ARG A 62 -1.85 21.21 5.50
C ARG A 62 -0.55 22.00 5.73
N ILE A 63 0.52 21.49 5.12
CA ILE A 63 1.89 21.96 5.28
C ILE A 63 2.30 22.86 4.11
N PHE A 64 2.39 24.17 4.38
CA PHE A 64 2.52 25.22 3.31
C PHE A 64 3.86 25.96 3.45
N SER A 65 4.74 25.36 4.22
CA SER A 65 6.06 26.04 4.52
C SER A 65 7.31 25.35 3.94
N HIS A 66 7.17 24.39 3.01
CA HIS A 66 8.37 23.76 2.50
C HIS A 66 8.16 23.48 1.00
N PRO A 67 9.12 23.89 0.15
CA PRO A 67 8.89 23.72 -1.28
C PRO A 67 8.82 22.24 -1.71
N ASN A 68 9.37 21.33 -0.95
CA ASN A 68 9.37 19.92 -1.27
C ASN A 68 8.33 19.10 -0.57
N VAL A 69 7.29 19.78 -0.03
CA VAL A 69 6.13 19.11 0.54
C VAL A 69 4.93 19.71 -0.20
N LEU A 70 4.03 18.87 -0.69
CA LEU A 70 2.85 19.28 -1.33
C LEU A 70 1.65 19.11 -0.37
N PRO A 71 1.08 20.22 0.09
CA PRO A 71 0.02 20.04 1.08
C PRO A 71 -1.29 19.56 0.49
N VAL A 72 -2.18 19.09 1.37
CA VAL A 72 -3.60 19.08 1.07
C VAL A 72 -4.15 20.46 1.09
N LEU A 73 -4.74 20.92 -0.02
CA LEU A 73 -5.28 22.27 -0.07
C LEU A 73 -6.52 22.43 0.77
N GLY A 74 -7.30 21.36 0.86
CA GLY A 74 -8.46 21.35 1.76
C GLY A 74 -9.12 20.02 1.71
N ALA A 75 -10.13 19.82 2.56
CA ALA A 75 -10.80 18.56 2.61
C ALA A 75 -12.31 18.82 2.74
N CYS A 76 -13.13 17.83 2.28
CA CYS A 76 -14.59 17.92 2.36
C CYS A 76 -15.01 16.95 3.41
N GLN A 77 -15.62 17.48 4.47
CA GLN A 77 -16.06 16.66 5.57
C GLN A 77 -17.34 15.93 5.15
N SER A 78 -17.46 14.71 5.62
CA SER A 78 -18.52 13.79 5.17
C SER A 78 -19.17 13.15 6.39
N PRO A 79 -20.44 13.46 6.68
CA PRO A 79 -21.28 14.44 6.02
C PRO A 79 -20.79 15.86 6.26
N PRO A 80 -21.22 16.80 5.43
CA PRO A 80 -22.25 16.63 4.35
C PRO A 80 -21.81 16.24 2.98
N ALA A 81 -20.50 16.20 2.69
CA ALA A 81 -20.07 15.61 1.47
C ALA A 81 -20.44 14.12 1.43
N PRO A 82 -20.63 13.61 0.20
CA PRO A 82 -21.10 12.20 0.12
C PRO A 82 -20.07 11.21 0.54
N HIS A 83 -18.79 11.55 0.41
CA HIS A 83 -17.72 10.71 0.86
C HIS A 83 -16.56 11.65 1.30
N PRO A 84 -15.70 11.18 2.17
CA PRO A 84 -14.54 12.03 2.60
C PRO A 84 -13.67 12.25 1.41
N THR A 85 -13.25 13.47 1.21
CA THR A 85 -12.61 13.85 -0.01
C THR A 85 -11.44 14.83 0.32
N LEU A 86 -10.33 14.72 -0.41
CA LEU A 86 -9.13 15.62 -0.26
C LEU A 86 -8.94 16.34 -1.56
N ILE A 87 -8.55 17.60 -1.52
CA ILE A 87 -8.26 18.37 -2.66
C ILE A 87 -6.78 18.83 -2.62
N THR A 88 -6.08 18.70 -3.76
CA THR A 88 -4.71 19.20 -3.87
C THR A 88 -4.57 19.98 -5.15
N HIS A 89 -3.60 20.90 -5.21
CA HIS A 89 -3.28 21.50 -6.53
C HIS A 89 -2.80 20.45 -7.52
N TRP A 90 -3.13 20.68 -8.79
CA TRP A 90 -2.84 19.75 -9.86
C TRP A 90 -1.34 19.90 -10.17
N MET A 91 -0.62 18.80 -10.13
CA MET A 91 0.84 18.79 -10.44
C MET A 91 0.97 18.24 -11.86
N PRO A 92 1.41 19.10 -12.80
CA PRO A 92 1.26 18.73 -14.25
C PRO A 92 1.97 17.44 -14.70
N TYR A 93 3.04 17.03 -14.03
CA TYR A 93 3.77 15.81 -14.48
C TYR A 93 3.34 14.55 -13.75
N GLY A 94 2.37 14.68 -12.84
CA GLY A 94 1.92 13.52 -12.08
C GLY A 94 2.95 13.06 -11.06
N SER A 95 2.95 11.82 -10.74
CA SER A 95 3.82 11.25 -9.74
C SER A 95 5.22 10.97 -10.28
N LEU A 96 6.16 10.85 -9.37
CA LEU A 96 7.49 10.41 -9.74
C LEU A 96 7.39 9.09 -10.53
N TYR A 97 6.57 8.17 -10.02
CA TYR A 97 6.36 6.93 -10.72
C TYR A 97 5.96 7.16 -12.19
N ASN A 98 4.98 8.03 -12.41
CA ASN A 98 4.52 8.36 -13.76
C ASN A 98 5.72 8.86 -14.61
N VAL A 99 6.51 9.75 -14.01
CA VAL A 99 7.58 10.36 -14.74
C VAL A 99 8.69 9.41 -15.08
N LEU A 100 9.02 8.51 -14.18
CA LEU A 100 10.09 7.59 -14.42
C LEU A 100 9.70 6.39 -15.27
N HIS A 101 8.49 5.88 -15.05
CA HIS A 101 8.10 4.58 -15.61
C HIS A 101 7.03 4.64 -16.71
N GLU A 102 6.29 5.73 -16.81
CA GLU A 102 5.19 5.87 -17.75
C GLU A 102 5.37 7.11 -18.62
N GLY A 103 6.59 7.51 -18.90
CA GLY A 103 6.80 8.74 -19.66
C GLY A 103 6.49 8.40 -21.11
N THR A 104 6.18 9.40 -21.89
CA THR A 104 5.83 9.14 -23.29
C THR A 104 6.71 9.90 -24.31
N ASN A 105 7.71 10.62 -23.79
CA ASN A 105 8.40 11.72 -24.48
C ASN A 105 9.90 11.59 -24.08
N PHE A 106 10.60 12.67 -23.80
CA PHE A 106 12.01 12.57 -23.45
C PHE A 106 12.13 11.79 -22.11
N VAL A 107 13.16 11.02 -21.97
CA VAL A 107 13.48 10.33 -20.70
C VAL A 107 14.21 11.31 -19.80
N VAL A 108 13.82 11.41 -18.53
CA VAL A 108 14.48 12.35 -17.67
C VAL A 108 15.94 12.00 -17.51
N ASP A 109 16.77 13.03 -17.61
CA ASP A 109 18.22 12.82 -17.54
C ASP A 109 18.76 12.60 -16.12
N GLN A 110 20.04 12.20 -15.98
CA GLN A 110 20.55 11.80 -14.66
C GLN A 110 20.74 13.06 -13.79
N SER A 111 21.03 14.22 -14.35
CA SER A 111 20.96 15.45 -13.58
C SER A 111 19.61 15.74 -12.94
N GLN A 112 18.58 15.61 -13.74
CA GLN A 112 17.22 15.74 -13.21
C GLN A 112 16.91 14.69 -12.12
N ALA A 113 17.38 13.45 -12.27
CA ALA A 113 17.21 12.39 -11.28
C ALA A 113 17.87 12.78 -9.96
N VAL A 114 19.10 13.32 -10.04
CA VAL A 114 19.77 13.74 -8.84
C VAL A 114 19.03 14.89 -8.15
N LYS A 115 18.49 15.81 -8.91
CA LYS A 115 17.71 16.89 -8.37
C LYS A 115 16.40 16.37 -7.73
N PHE A 116 15.78 15.37 -8.33
CA PHE A 116 14.65 14.66 -7.66
C PHE A 116 15.02 14.08 -6.29
N ALA A 117 16.17 13.41 -6.24
CA ALA A 117 16.66 12.80 -5.01
C ALA A 117 16.92 13.83 -3.96
N LEU A 118 17.56 14.97 -4.34
CA LEU A 118 17.80 16.04 -3.36
C LEU A 118 16.52 16.65 -2.83
N ASP A 119 15.61 16.93 -3.75
CA ASP A 119 14.24 17.50 -3.42
C ASP A 119 13.55 16.53 -2.39
N MET A 120 13.53 15.21 -2.64
CA MET A 120 12.85 14.29 -1.80
C MET A 120 13.54 14.24 -0.39
N ALA A 121 14.91 14.27 -0.39
CA ALA A 121 15.62 14.24 0.87
C ALA A 121 15.35 15.48 1.67
N ARG A 122 15.27 16.65 1.03
CA ARG A 122 14.94 17.89 1.74
C ARG A 122 13.55 17.78 2.37
N GLY A 123 12.58 17.39 1.55
CA GLY A 123 11.22 17.28 2.04
C GLY A 123 11.11 16.29 3.21
N MET A 124 11.76 15.16 3.10
CA MET A 124 11.77 14.16 4.20
C MET A 124 12.47 14.69 5.47
N ALA A 125 13.62 15.39 5.28
CA ALA A 125 14.31 16.02 6.44
C ALA A 125 13.34 16.94 7.13
N PHE A 126 12.58 17.72 6.39
CA PHE A 126 11.59 18.60 7.02
C PHE A 126 10.51 17.86 7.78
N LEU A 127 9.93 16.86 7.11
CA LEU A 127 8.84 16.08 7.71
C LEU A 127 9.37 15.37 8.97
N HIS A 128 10.63 14.96 8.98
CA HIS A 128 11.24 14.35 10.14
C HIS A 128 11.47 15.27 11.35
N THR A 129 11.36 16.56 11.17
CA THR A 129 11.38 17.55 12.29
C THR A 129 10.06 17.67 13.02
N LEU A 130 8.98 17.09 12.49
CA LEU A 130 7.66 17.26 13.08
C LEU A 130 7.52 16.33 14.26
N GLU A 131 6.79 16.81 15.28
CA GLU A 131 6.62 16.11 16.54
C GLU A 131 5.14 16.12 16.90
N PRO A 132 4.49 14.96 16.96
CA PRO A 132 5.00 13.71 16.52
C PRO A 132 5.03 13.69 14.96
N LEU A 133 5.65 12.66 14.42
CA LEU A 133 5.68 12.44 12.96
C LEU A 133 4.25 12.36 12.47
N ILE A 134 4.03 12.80 11.22
CA ILE A 134 2.72 12.51 10.56
C ILE A 134 2.55 10.99 10.52
N PRO A 135 1.48 10.45 11.09
CA PRO A 135 1.30 9.00 11.18
C PRO A 135 0.94 8.38 9.82
N ARG A 136 1.45 7.18 9.59
CA ARG A 136 1.14 6.32 8.42
C ARG A 136 1.61 6.97 7.09
N HIS A 137 2.67 7.77 7.10
CA HIS A 137 3.15 8.32 5.85
C HIS A 137 4.22 7.32 5.26
N ALA A 138 4.02 6.74 4.09
CA ALA A 138 4.97 5.78 3.50
C ALA A 138 5.59 6.52 2.30
N LEU A 139 6.88 6.53 2.21
CA LEU A 139 7.54 7.09 1.04
C LEU A 139 7.71 6.05 -0.06
N ASN A 140 7.25 6.43 -1.27
CA ASN A 140 7.45 5.63 -2.47
C ASN A 140 7.27 6.49 -3.69
N SER A 141 7.49 5.95 -4.90
CA SER A 141 7.47 6.81 -6.06
C SER A 141 6.09 7.28 -6.47
N ARG A 142 5.06 6.55 -6.01
CA ARG A 142 3.67 7.01 -6.19
C ARG A 142 3.26 8.15 -5.26
N SER A 143 4.01 8.34 -4.19
CA SER A 143 3.64 9.34 -3.19
C SER A 143 4.52 10.59 -3.23
N VAL A 144 5.21 10.77 -4.35
CA VAL A 144 5.93 12.01 -4.64
C VAL A 144 5.41 12.55 -5.94
N MET A 145 5.12 13.82 -5.98
CA MET A 145 4.60 14.48 -7.17
C MET A 145 5.62 15.44 -7.77
N ILE A 146 5.47 15.65 -9.07
CA ILE A 146 6.39 16.43 -9.84
C ILE A 146 5.66 17.67 -10.39
N ASP A 147 6.12 18.85 -9.96
CA ASP A 147 5.46 20.11 -10.23
C ASP A 147 5.95 20.64 -11.60
N GLU A 148 5.36 21.75 -12.00
CA GLU A 148 5.64 22.35 -13.32
C GLU A 148 7.10 22.66 -13.67
N ASP A 149 7.90 23.07 -12.70
CA ASP A 149 9.34 23.26 -12.94
C ASP A 149 10.18 22.02 -12.56
N MET A 150 9.52 20.86 -12.52
CA MET A 150 10.16 19.59 -12.22
C MET A 150 10.59 19.44 -10.77
N THR A 151 10.12 20.29 -9.88
CA THR A 151 10.43 20.08 -8.44
C THR A 151 9.69 18.86 -7.92
N ALA A 152 10.35 17.96 -7.20
CA ALA A 152 9.69 16.84 -6.56
C ALA A 152 9.19 17.26 -5.17
N ARG A 153 7.95 16.85 -4.84
CA ARG A 153 7.27 17.25 -3.63
C ARG A 153 6.63 16.02 -3.01
N ILE A 154 6.87 15.85 -1.72
CA ILE A 154 6.29 14.73 -1.01
C ILE A 154 4.77 14.99 -0.89
N SER A 155 3.96 14.03 -1.27
CA SER A 155 2.52 14.26 -1.36
C SER A 155 1.76 14.01 -0.02
N MET A 156 1.22 15.04 0.60
CA MET A 156 0.58 14.80 1.89
C MET A 156 -0.82 14.10 1.68
N ALA A 157 -1.42 14.24 0.51
CA ALA A 157 -2.71 13.56 0.22
C ALA A 157 -2.55 12.07 0.16
N ASP A 158 -1.32 11.56 0.11
CA ASP A 158 -1.12 10.12 0.01
C ASP A 158 -0.91 9.46 1.34
N VAL A 159 -1.04 10.17 2.44
CA VAL A 159 -0.97 9.60 3.74
C VAL A 159 -2.26 8.81 4.04
N LYS A 160 -2.12 7.60 4.53
CA LYS A 160 -3.30 6.81 4.98
C LYS A 160 -3.86 7.27 6.29
N PHE A 161 -5.20 7.26 6.38
CA PHE A 161 -5.89 7.63 7.60
C PHE A 161 -6.10 6.40 8.48
N SER A 162 -6.38 6.63 9.75
CA SER A 162 -6.59 5.56 10.78
C SER A 162 -7.63 4.54 10.32
N PHE A 163 -8.62 4.99 9.57
CA PHE A 163 -9.68 4.09 9.14
C PHE A 163 -9.40 3.32 7.85
N GLN A 164 -8.33 3.64 7.14
CA GLN A 164 -8.06 2.99 5.85
C GLN A 164 -7.22 1.72 6.00
N SER A 165 -7.65 0.68 5.26
CA SER A 165 -6.89 -0.56 5.02
C SER A 165 -5.69 -0.88 5.97
N PRO A 166 -5.89 -0.98 7.31
CA PRO A 166 -4.73 -1.18 8.23
C PRO A 166 -3.77 -2.41 7.97
N GLY A 167 -4.34 -3.57 7.73
CA GLY A 167 -3.59 -4.80 7.31
C GLY A 167 -3.43 -5.09 5.81
N ARG A 168 -3.53 -4.08 4.93
CA ARG A 168 -3.27 -4.25 3.47
C ARG A 168 -2.15 -3.25 3.07
N MET A 169 -0.96 -3.74 2.68
CA MET A 169 0.17 -2.91 2.19
C MET A 169 0.30 -3.10 0.68
N TYR A 170 0.08 -2.04 -0.12
CA TYR A 170 0.08 -2.10 -1.57
C TYR A 170 1.36 -1.66 -2.33
N ALA A 171 2.33 -1.20 -1.57
CA ALA A 171 3.63 -0.86 -2.17
C ALA A 171 4.75 -1.37 -1.27
N PRO A 172 4.82 -2.71 -1.01
CA PRO A 172 5.81 -3.22 -0.07
C PRO A 172 7.26 -3.15 -0.56
N ALA A 173 7.51 -3.01 -1.88
CA ALA A 173 8.87 -2.98 -2.39
C ALA A 173 9.69 -1.84 -1.80
N TRP A 174 9.05 -0.81 -1.32
CA TRP A 174 9.75 0.37 -0.71
C TRP A 174 9.79 0.34 0.77
N VAL A 175 9.26 -0.73 1.39
CA VAL A 175 9.15 -0.78 2.85
C VAL A 175 10.29 -1.59 3.48
N ALA A 176 10.83 -1.07 4.56
CA ALA A 176 11.96 -1.68 5.23
C ALA A 176 11.50 -3.08 5.78
N PRO A 177 12.40 -4.05 5.79
CA PRO A 177 12.05 -5.38 6.24
C PRO A 177 11.47 -5.41 7.62
N GLU A 178 12.00 -4.60 8.55
CA GLU A 178 11.41 -4.55 9.90
C GLU A 178 9.98 -4.04 9.92
N ALA A 179 9.66 -3.08 9.03
CA ALA A 179 8.35 -2.53 8.92
C ALA A 179 7.32 -3.47 8.23
N LEU A 180 7.78 -4.52 7.55
CA LEU A 180 6.93 -5.55 7.03
C LEU A 180 6.46 -6.50 8.12
N GLN A 181 7.13 -6.47 9.24
CA GLN A 181 7.00 -7.48 10.31
C GLN A 181 6.57 -6.91 11.63
N LYS A 182 6.96 -5.69 11.97
CA LYS A 182 6.66 -5.13 13.32
C LYS A 182 5.64 -4.04 13.28
N LYS A 183 4.89 -3.80 14.36
CA LYS A 183 3.97 -2.69 14.37
C LYS A 183 4.83 -1.41 14.39
N PRO A 184 4.31 -0.33 13.78
CA PRO A 184 4.96 1.01 13.71
C PRO A 184 5.49 1.49 15.08
N GLU A 185 4.64 1.34 16.11
CA GLU A 185 5.04 1.54 17.52
C GLU A 185 6.33 0.84 17.94
N ASP A 186 6.69 -0.30 17.35
CA ASP A 186 7.88 -1.05 17.66
C ASP A 186 9.06 -0.84 16.70
N THR A 187 8.96 0.17 15.83
CA THR A 187 10.03 0.38 14.84
C THR A 187 10.44 1.84 14.96
N ASN A 188 11.67 2.12 14.54
CA ASN A 188 12.08 3.50 14.35
C ASN A 188 11.57 3.98 12.96
N ARG A 189 10.53 4.80 12.93
CA ARG A 189 9.91 5.16 11.68
C ARG A 189 10.87 5.97 10.83
N ARG A 190 11.71 6.79 11.45
CA ARG A 190 12.67 7.62 10.64
C ARG A 190 13.66 6.75 9.91
N SER A 191 14.14 5.71 10.56
CA SER A 191 15.07 4.82 9.92
C SER A 191 14.37 4.03 8.86
N ALA A 192 13.13 3.60 9.12
CA ALA A 192 12.40 2.86 8.02
C ALA A 192 12.23 3.72 6.73
N ASP A 193 11.91 5.01 6.92
CA ASP A 193 11.82 5.95 5.82
C ASP A 193 13.14 6.08 5.01
N MET A 194 14.28 5.95 5.64
CA MET A 194 15.52 5.96 4.92
C MET A 194 15.67 4.73 4.02
N TRP A 195 15.21 3.56 4.47
CA TRP A 195 15.14 2.42 3.48
C TRP A 195 14.34 2.72 2.23
N SER A 196 13.15 3.32 2.39
CA SER A 196 12.29 3.70 1.30
C SER A 196 13.04 4.63 0.33
N PHE A 197 13.78 5.59 0.92
CA PHE A 197 14.64 6.50 0.07
C PHE A 197 15.72 5.74 -0.71
N ALA A 198 16.31 4.72 -0.13
CA ALA A 198 17.30 3.88 -0.82
C ALA A 198 16.69 3.16 -1.97
N VAL A 199 15.45 2.69 -1.80
CA VAL A 199 14.78 2.06 -2.95
C VAL A 199 14.45 3.07 -4.01
N LEU A 200 14.10 4.29 -3.64
CA LEU A 200 13.92 5.33 -4.64
C LEU A 200 15.21 5.68 -5.36
N LEU A 201 16.33 5.68 -4.65
CA LEU A 201 17.66 5.83 -5.36
C LEU A 201 17.86 4.71 -6.35
N TRP A 202 17.55 3.47 -5.94
CA TRP A 202 17.61 2.33 -6.83
C TRP A 202 16.81 2.53 -8.08
N GLU A 203 15.57 3.02 -7.93
CA GLU A 203 14.68 3.26 -9.05
C GLU A 203 15.18 4.40 -9.98
N LEU A 204 15.76 5.42 -9.40
CA LEU A 204 16.37 6.45 -10.19
C LEU A 204 17.59 6.00 -10.98
N VAL A 205 18.37 5.07 -10.41
CA VAL A 205 19.49 4.48 -11.09
C VAL A 205 19.12 3.52 -12.19
N THR A 206 18.18 2.61 -11.93
CA THR A 206 17.83 1.62 -12.90
C THR A 206 16.76 1.95 -13.88
N ARG A 207 15.92 2.93 -13.53
CA ARG A 207 14.72 3.26 -14.24
C ARG A 207 13.87 2.00 -14.47
N GLU A 208 13.82 1.17 -13.43
CA GLU A 208 12.94 -0.01 -13.40
C GLU A 208 12.12 0.07 -12.13
N VAL A 209 10.94 -0.58 -12.16
CA VAL A 209 10.11 -0.74 -10.92
C VAL A 209 10.72 -1.83 -10.07
N PRO A 210 10.95 -1.57 -8.77
CA PRO A 210 11.57 -2.61 -7.97
C PRO A 210 10.68 -3.89 -7.85
N PHE A 211 11.28 -5.02 -8.08
CA PHE A 211 10.57 -6.33 -8.00
C PHE A 211 9.36 -6.36 -8.93
N ALA A 212 9.50 -5.80 -10.17
CA ALA A 212 8.37 -5.59 -11.02
C ALA A 212 7.74 -6.96 -11.41
N ASP A 213 8.54 -7.99 -11.45
CA ASP A 213 8.07 -9.33 -11.84
C ASP A 213 7.24 -10.07 -10.75
N LEU A 214 7.22 -9.55 -9.49
CA LEU A 214 6.51 -10.21 -8.38
C LEU A 214 5.23 -9.50 -7.96
N SER A 215 4.24 -10.23 -7.46
CA SER A 215 3.07 -9.63 -6.85
C SER A 215 3.46 -9.01 -5.49
N ASN A 216 2.64 -8.15 -5.01
CA ASN A 216 2.86 -7.49 -3.73
C ASN A 216 2.99 -8.46 -2.54
N MET A 217 2.12 -9.50 -2.50
CA MET A 217 2.30 -10.52 -1.45
C MET A 217 3.64 -11.23 -1.53
N GLU A 218 4.04 -11.68 -2.70
CA GLU A 218 5.31 -12.28 -2.89
C GLU A 218 6.45 -11.39 -2.42
N ILE A 219 6.39 -10.12 -2.84
CA ILE A 219 7.42 -9.16 -2.39
C ILE A 219 7.51 -9.09 -0.86
N GLY A 220 6.43 -8.82 -0.18
CA GLY A 220 6.51 -8.67 1.25
C GLY A 220 6.98 -9.94 1.95
N MET A 221 6.47 -11.09 1.52
CA MET A 221 6.85 -12.36 2.15
C MET A 221 8.33 -12.70 1.96
N LYS A 222 8.83 -12.39 0.78
CA LYS A 222 10.20 -12.74 0.42
C LYS A 222 11.20 -11.78 1.00
N VAL A 223 10.84 -10.48 1.01
CA VAL A 223 11.65 -9.49 1.70
C VAL A 223 11.70 -9.74 3.21
N ALA A 224 10.54 -10.01 3.78
CA ALA A 224 10.44 -10.20 5.26
C ALA A 224 11.08 -11.50 5.73
N LEU A 225 10.87 -12.57 5.01
CA LEU A 225 11.18 -13.91 5.53
C LEU A 225 12.26 -14.63 4.79
N GLU A 226 12.62 -14.18 3.60
CA GLU A 226 13.58 -14.91 2.75
C GLU A 226 14.76 -14.09 2.31
N GLY A 227 14.93 -12.89 2.83
CA GLY A 227 16.10 -12.07 2.54
C GLY A 227 16.18 -11.48 1.17
N LEU A 228 15.06 -11.36 0.46
CA LEU A 228 15.04 -10.79 -0.84
C LEU A 228 15.40 -9.28 -0.74
N ARG A 229 16.34 -8.83 -1.58
CA ARG A 229 16.79 -7.39 -1.64
C ARG A 229 17.01 -6.96 -3.04
N PRO A 230 17.00 -5.62 -3.27
CA PRO A 230 17.25 -5.13 -4.62
C PRO A 230 18.71 -5.41 -4.98
N THR A 231 19.00 -5.77 -6.21
CA THR A 231 20.43 -5.95 -6.55
C THR A 231 21.06 -4.61 -6.83
N ILE A 232 22.15 -4.29 -6.14
CA ILE A 232 22.93 -3.06 -6.41
C ILE A 232 23.34 -3.01 -7.91
N PRO A 233 22.99 -1.93 -8.62
CA PRO A 233 23.26 -1.97 -10.06
C PRO A 233 24.77 -1.87 -10.38
N PRO A 234 25.21 -2.52 -11.47
CA PRO A 234 26.61 -2.36 -11.87
C PRO A 234 26.79 -1.07 -12.67
N GLY A 235 28.03 -0.60 -12.65
CA GLY A 235 28.44 0.56 -13.45
C GLY A 235 28.00 1.86 -12.86
N ILE A 236 27.94 1.98 -11.53
CA ILE A 236 27.54 3.24 -10.93
C ILE A 236 28.74 3.80 -10.17
N SER A 237 28.72 5.10 -9.92
CA SER A 237 29.81 5.74 -9.21
C SER A 237 29.91 5.20 -7.79
N PRO A 238 31.14 5.20 -7.24
CA PRO A 238 31.34 4.75 -5.87
C PRO A 238 30.49 5.50 -4.86
N HIS A 239 30.33 6.81 -4.97
CA HIS A 239 29.58 7.48 -3.93
C HIS A 239 28.07 7.18 -4.05
N VAL A 240 27.54 6.96 -5.23
CA VAL A 240 26.12 6.56 -5.37
C VAL A 240 25.96 5.14 -4.73
N SER A 241 26.88 4.26 -5.05
CA SER A 241 26.86 2.90 -4.50
C SER A 241 26.93 2.92 -2.99
N LYS A 242 27.88 3.68 -2.45
CA LYS A 242 27.99 3.80 -1.03
C LYS A 242 26.72 4.33 -0.36
N LEU A 243 26.12 5.33 -0.98
CA LEU A 243 24.97 6.00 -0.40
C LEU A 243 23.81 5.03 -0.41
N MET A 244 23.59 4.32 -1.51
CA MET A 244 22.49 3.37 -1.54
C MET A 244 22.66 2.27 -0.56
N LYS A 245 23.86 1.74 -0.45
CA LYS A 245 24.13 0.69 0.55
C LYS A 245 23.97 1.09 2.00
N ILE A 246 24.40 2.28 2.40
CA ILE A 246 24.25 2.72 3.78
C ILE A 246 22.77 3.08 4.05
N CYS A 247 22.06 3.59 3.04
CA CYS A 247 20.64 4.00 3.27
C CYS A 247 19.81 2.75 3.37
N MET A 248 20.24 1.69 2.71
CA MET A 248 19.58 0.41 2.75
C MET A 248 20.27 -0.55 3.66
N ASN A 249 20.86 -0.08 4.77
CA ASN A 249 21.54 -1.00 5.70
C ASN A 249 20.55 -1.96 6.40
N GLU A 250 20.98 -3.20 6.66
CA GLU A 250 20.12 -4.17 7.35
C GLU A 250 19.77 -3.71 8.74
N ASP A 251 20.70 -3.02 9.39
CA ASP A 251 20.51 -2.58 10.73
C ASP A 251 19.94 -1.14 10.68
N PRO A 252 18.68 -0.94 11.08
CA PRO A 252 18.05 0.40 10.99
C PRO A 252 18.86 1.52 11.64
N ALA A 253 19.48 1.20 12.77
CA ALA A 253 20.29 2.17 13.53
C ALA A 253 21.59 2.64 12.76
N LYS A 254 22.03 1.95 11.74
CA LYS A 254 23.18 2.41 10.98
C LYS A 254 22.81 3.20 9.76
N ARG A 255 21.50 3.31 9.45
CA ARG A 255 21.10 4.15 8.31
C ARG A 255 21.20 5.64 8.72
N PRO A 256 21.60 6.51 7.79
CA PRO A 256 21.75 7.93 8.10
C PRO A 256 20.43 8.65 8.27
N LYS A 257 20.52 9.80 8.91
CA LYS A 257 19.43 10.78 8.95
C LYS A 257 19.31 11.50 7.60
N PHE A 258 18.11 11.94 7.21
CA PHE A 258 17.98 12.66 5.97
C PHE A 258 18.86 13.94 5.98
N ASP A 259 18.97 14.59 7.09
CA ASP A 259 19.73 15.83 7.13
C ASP A 259 21.24 15.57 7.04
N MET A 260 21.65 14.31 7.11
CA MET A 260 23.07 13.92 6.87
C MET A 260 23.31 13.46 5.45
N ILE A 261 22.26 13.21 4.64
CA ILE A 261 22.48 12.92 3.24
C ILE A 261 22.19 14.08 2.30
N VAL A 262 21.41 15.01 2.77
CA VAL A 262 21.15 16.27 1.99
C VAL A 262 22.47 16.87 1.50
N PRO A 263 23.48 17.01 2.43
CA PRO A 263 24.69 17.69 1.93
C PRO A 263 25.47 16.88 0.90
N ILE A 264 25.38 15.54 0.93
CA ILE A 264 25.98 14.69 -0.14
C ILE A 264 25.28 14.94 -1.48
N LEU A 265 23.95 14.87 -1.44
CA LEU A 265 23.16 15.16 -2.66
C LEU A 265 23.34 16.54 -3.24
N GLU A 266 23.61 17.52 -2.39
CA GLU A 266 23.86 18.87 -2.87
C GLU A 266 25.18 18.95 -3.64
N LYS A 267 26.14 18.13 -3.26
CA LYS A 267 27.46 18.07 -4.03
C LYS A 267 27.29 17.38 -5.36
N MET A 268 26.32 16.48 -5.44
CA MET A 268 26.14 15.71 -6.62
C MET A 268 25.40 16.52 -7.70
N GLN A 269 24.84 17.66 -7.36
CA GLN A 269 24.04 18.47 -8.31
C GLN A 269 24.90 19.22 -9.33
N ASP A 270 24.33 19.42 -10.53
CA ASP A 270 24.75 20.50 -11.47
C ASP A 270 24.48 21.92 -10.91
N LYS A 271 25.48 22.82 -11.03
CA LYS A 271 25.42 24.20 -10.48
C LYS A 271 26.07 25.26 -11.41
N ALA B 6 -27.71 -23.19 -5.03
CA ALA B 6 -27.14 -24.38 -5.75
C ALA B 6 -26.25 -25.21 -4.82
N PHE B 7 -25.33 -24.51 -4.12
CA PHE B 7 -24.18 -25.12 -3.41
C PHE B 7 -24.50 -26.30 -2.46
N ASP B 8 -25.59 -26.18 -1.70
CA ASP B 8 -26.00 -27.22 -0.71
C ASP B 8 -26.55 -28.50 -1.34
N THR B 9 -27.31 -28.33 -2.43
CA THR B 9 -27.78 -29.45 -3.23
C THR B 9 -26.58 -30.24 -3.72
N LEU B 10 -25.65 -29.53 -4.38
CA LEU B 10 -24.42 -30.11 -4.96
C LEU B 10 -23.59 -30.89 -3.93
N PHE B 11 -23.38 -30.26 -2.77
CA PHE B 11 -22.60 -30.89 -1.69
C PHE B 11 -23.26 -32.18 -1.17
N ASP B 12 -24.55 -32.13 -0.81
CA ASP B 12 -25.26 -33.29 -0.21
C ASP B 12 -25.69 -34.42 -1.22
N HIS B 13 -26.01 -34.07 -2.46
CA HIS B 13 -26.62 -35.03 -3.42
C HIS B 13 -25.77 -35.43 -4.66
N ALA B 14 -24.71 -34.68 -4.98
CA ALA B 14 -24.02 -34.81 -6.28
C ALA B 14 -22.53 -35.18 -6.18
N PRO B 15 -22.22 -36.39 -5.63
CA PRO B 15 -20.84 -36.71 -5.24
C PRO B 15 -19.75 -36.50 -6.31
N ASP B 16 -20.03 -36.79 -7.58
CA ASP B 16 -18.98 -36.69 -8.60
C ASP B 16 -18.72 -35.24 -8.98
N LYS B 17 -19.80 -34.48 -9.09
CA LYS B 17 -19.73 -33.05 -9.23
C LYS B 17 -18.92 -32.49 -8.03
N LEU B 18 -19.16 -32.95 -6.81
CA LEU B 18 -18.33 -32.49 -5.68
C LEU B 18 -16.82 -32.77 -5.83
N ASN B 19 -16.42 -33.97 -6.27
CA ASN B 19 -15.00 -34.23 -6.52
C ASN B 19 -14.37 -33.34 -7.57
N VAL B 20 -15.16 -32.88 -8.55
CA VAL B 20 -14.66 -31.95 -9.57
C VAL B 20 -14.47 -30.58 -8.88
N VAL B 21 -15.42 -30.23 -8.01
CA VAL B 21 -15.29 -28.97 -7.26
C VAL B 21 -14.03 -29.05 -6.39
N LYS B 22 -13.81 -30.13 -5.64
CA LYS B 22 -12.57 -30.24 -4.83
C LYS B 22 -11.31 -30.12 -5.64
N LYS B 23 -11.28 -30.80 -6.80
CA LYS B 23 -10.10 -30.75 -7.63
C LYS B 23 -9.81 -29.38 -8.24
N THR B 24 -10.86 -28.71 -8.67
CA THR B 24 -10.75 -27.38 -9.27
C THR B 24 -10.20 -26.43 -8.17
N LEU B 25 -10.75 -26.58 -6.97
CA LEU B 25 -10.36 -25.72 -5.85
C LEU B 25 -8.92 -25.91 -5.42
N ILE B 26 -8.45 -27.16 -5.34
CA ILE B 26 -7.06 -27.42 -5.10
C ILE B 26 -6.17 -26.75 -6.17
N THR B 27 -6.53 -26.93 -7.44
CA THR B 27 -5.78 -26.30 -8.50
C THR B 27 -5.72 -24.77 -8.33
N PHE B 28 -6.88 -24.17 -8.08
CA PHE B 28 -7.02 -22.70 -7.89
C PHE B 28 -6.17 -22.19 -6.73
N VAL B 29 -6.25 -22.85 -5.56
CA VAL B 29 -5.51 -22.31 -4.42
C VAL B 29 -4.03 -22.50 -4.60
N ASN B 30 -3.62 -23.62 -5.21
CA ASN B 30 -2.21 -23.81 -5.45
C ASN B 30 -1.61 -22.85 -6.50
N LYS B 31 -2.36 -22.51 -7.50
CA LYS B 31 -1.89 -21.57 -8.52
C LYS B 31 -1.32 -20.29 -7.82
N HIS B 32 -1.97 -19.90 -6.73
CA HIS B 32 -1.56 -18.67 -5.98
C HIS B 32 -0.59 -18.99 -4.91
N LEU B 33 -0.94 -19.97 -4.02
CA LEU B 33 -0.08 -20.28 -2.93
C LEU B 33 1.28 -20.78 -3.32
N ASN B 34 1.36 -21.46 -4.45
CA ASN B 34 2.67 -21.94 -4.88
C ASN B 34 3.69 -20.81 -5.19
N LYS B 35 3.21 -19.58 -5.39
CA LYS B 35 4.09 -18.38 -5.57
C LYS B 35 4.84 -18.08 -4.29
N LEU B 36 4.34 -18.57 -3.16
CA LEU B 36 4.99 -18.42 -1.87
C LEU B 36 5.65 -19.72 -1.39
N ASN B 37 5.79 -20.65 -2.31
CA ASN B 37 6.32 -22.01 -2.05
C ASN B 37 5.51 -22.71 -1.01
N LEU B 38 4.18 -22.55 -1.08
CA LEU B 38 3.25 -23.26 -0.16
C LEU B 38 2.39 -24.15 -0.99
N GLU B 39 2.03 -25.32 -0.49
CA GLU B 39 1.29 -26.29 -1.31
C GLU B 39 0.11 -26.75 -0.45
N VAL B 40 -1.06 -26.79 -1.04
CA VAL B 40 -2.26 -27.41 -0.43
C VAL B 40 -2.47 -28.82 -1.00
N THR B 41 -2.56 -29.81 -0.14
CA THR B 41 -2.82 -31.21 -0.57
C THR B 41 -4.25 -31.63 -0.11
N GLU B 42 -4.85 -30.92 0.86
CA GLU B 42 -6.20 -31.31 1.30
C GLU B 42 -6.94 -30.11 1.84
N LEU B 43 -8.18 -29.98 1.40
CA LEU B 43 -9.00 -28.87 1.77
C LEU B 43 -9.57 -29.00 3.16
N GLU B 44 -9.59 -30.22 3.69
CA GLU B 44 -10.31 -30.50 4.94
C GLU B 44 -9.69 -29.78 6.13
N THR B 45 -8.38 -29.68 6.20
CA THR B 45 -7.79 -29.06 7.38
C THR B 45 -6.81 -27.95 7.10
N GLN B 46 -6.36 -27.78 5.86
CA GLN B 46 -5.26 -26.82 5.66
C GLN B 46 -5.72 -25.38 5.61
N PHE B 47 -7.02 -25.07 5.65
CA PHE B 47 -7.51 -23.69 5.77
C PHE B 47 -8.01 -23.32 7.14
N ALA B 48 -8.08 -24.34 8.04
CA ALA B 48 -8.74 -24.17 9.30
C ALA B 48 -8.05 -23.14 10.20
N ASP B 49 -6.73 -22.95 10.07
CA ASP B 49 -6.07 -22.01 10.97
C ASP B 49 -6.03 -20.54 10.49
N GLY B 50 -6.64 -20.29 9.35
CA GLY B 50 -6.84 -18.98 8.77
C GLY B 50 -5.63 -18.45 8.02
N VAL B 51 -4.47 -19.06 8.13
CA VAL B 51 -3.25 -18.46 7.60
C VAL B 51 -3.31 -18.43 6.06
N TYR B 52 -3.63 -19.54 5.44
CA TYR B 52 -3.69 -19.58 4.01
C TYR B 52 -4.77 -18.73 3.42
N LEU B 53 -5.91 -18.56 4.11
CA LEU B 53 -6.95 -17.70 3.67
C LEU B 53 -6.43 -16.23 3.65
N VAL B 54 -5.75 -15.84 4.71
CA VAL B 54 -5.12 -14.47 4.72
C VAL B 54 -4.16 -14.29 3.53
N LEU B 55 -3.23 -15.20 3.41
CA LEU B 55 -2.25 -15.17 2.31
C LEU B 55 -2.90 -15.19 0.95
N LEU B 56 -3.93 -16.04 0.78
CA LEU B 56 -4.64 -16.07 -0.47
C LEU B 56 -5.32 -14.79 -0.85
N MET B 57 -5.96 -14.13 0.08
CA MET B 57 -6.62 -12.88 -0.16
C MET B 57 -5.61 -11.80 -0.66
N GLY B 58 -4.43 -11.78 -0.07
CA GLY B 58 -3.38 -10.82 -0.56
C GLY B 58 -2.94 -11.16 -1.98
N LEU B 59 -2.82 -12.47 -2.27
CA LEU B 59 -2.50 -12.95 -3.62
C LEU B 59 -3.55 -12.64 -4.67
N LEU B 60 -4.83 -12.69 -4.30
CA LEU B 60 -5.90 -12.45 -5.24
C LEU B 60 -6.21 -10.95 -5.44
N GLU B 61 -5.99 -10.14 -4.41
CA GLU B 61 -6.36 -8.72 -4.43
C GLU B 61 -5.14 -7.77 -4.52
N GLY B 62 -3.95 -8.29 -4.67
CA GLY B 62 -2.74 -7.44 -4.84
C GLY B 62 -2.18 -6.64 -3.71
N TYR B 63 -2.18 -7.19 -2.50
CA TYR B 63 -1.47 -6.61 -1.35
C TYR B 63 -0.69 -7.61 -0.58
N PHE B 64 0.29 -7.12 0.17
CA PHE B 64 0.89 -7.86 1.25
C PHE B 64 0.12 -7.56 2.56
N VAL B 65 0.07 -8.55 3.45
CA VAL B 65 -0.46 -8.39 4.78
C VAL B 65 0.68 -8.38 5.79
N PRO B 66 0.91 -7.23 6.46
CA PRO B 66 2.03 -7.14 7.41
C PRO B 66 1.90 -8.25 8.47
N LEU B 67 3.01 -8.83 8.84
CA LEU B 67 3.03 -10.04 9.68
C LEU B 67 2.50 -9.79 11.08
N HIS B 68 2.50 -8.52 11.53
CA HIS B 68 1.95 -8.17 12.85
C HIS B 68 0.41 -8.04 12.80
N SER B 69 -0.21 -8.10 11.61
CA SER B 69 -1.65 -8.00 11.45
C SER B 69 -2.45 -9.30 11.69
N PHE B 70 -1.74 -10.42 11.77
CA PHE B 70 -2.42 -11.70 11.98
C PHE B 70 -1.46 -12.60 12.61
N PHE B 71 -1.87 -13.86 12.84
CA PHE B 71 -0.98 -14.82 13.43
C PHE B 71 -0.47 -15.82 12.41
N LEU B 72 0.79 -15.68 12.04
CA LEU B 72 1.35 -16.51 11.01
C LEU B 72 1.51 -17.97 11.45
N THR B 73 1.64 -18.20 12.75
CA THR B 73 1.73 -19.53 13.31
C THR B 73 0.85 -19.63 14.57
N PRO B 74 -0.46 -19.76 14.38
CA PRO B 74 -1.45 -19.69 15.46
C PRO B 74 -1.24 -20.82 16.45
N ASP B 75 -1.27 -20.51 17.74
CA ASP B 75 -0.96 -21.51 18.74
C ASP B 75 -2.19 -21.82 19.61
N SER B 76 -3.35 -21.37 19.20
CA SER B 76 -4.61 -21.61 19.88
C SER B 76 -5.82 -21.48 18.96
N PHE B 77 -6.94 -22.05 19.42
CA PHE B 77 -8.21 -21.85 18.77
C PHE B 77 -8.53 -20.38 18.56
N GLU B 78 -8.34 -19.59 19.62
CA GLU B 78 -8.69 -18.20 19.57
C GLU B 78 -7.91 -17.44 18.47
N GLN B 79 -6.65 -17.77 18.37
CA GLN B 79 -5.81 -17.11 17.35
C GLN B 79 -6.29 -17.48 15.93
N LYS B 80 -6.65 -18.76 15.77
CA LYS B 80 -7.16 -19.18 14.47
C LYS B 80 -8.44 -18.46 14.12
N VAL B 81 -9.33 -18.33 15.12
CA VAL B 81 -10.58 -17.65 14.89
C VAL B 81 -10.34 -16.18 14.47
N LEU B 82 -9.38 -15.57 15.12
CA LEU B 82 -9.01 -14.18 14.81
C LEU B 82 -8.51 -14.09 13.35
N ASN B 83 -7.69 -15.06 12.96
CA ASN B 83 -7.14 -15.14 11.54
C ASN B 83 -8.28 -15.23 10.56
N VAL B 84 -9.25 -16.17 10.77
CA VAL B 84 -10.28 -16.38 9.86
C VAL B 84 -11.24 -15.16 9.79
N SER B 85 -11.47 -14.56 10.96
CA SER B 85 -12.33 -13.38 11.01
C SER B 85 -11.69 -12.22 10.19
N PHE B 86 -10.38 -12.11 10.32
CA PHE B 86 -9.57 -11.13 9.53
C PHE B 86 -9.68 -11.38 8.04
N ALA B 87 -9.52 -12.64 7.65
CA ALA B 87 -9.72 -13.03 6.27
C ALA B 87 -11.12 -12.73 5.68
N PHE B 88 -12.16 -12.91 6.51
CA PHE B 88 -13.48 -12.57 6.12
C PHE B 88 -13.67 -11.02 5.96
N GLU B 89 -13.03 -10.28 6.81
CA GLU B 89 -13.03 -8.78 6.63
C GLU B 89 -12.39 -8.36 5.32
N LEU B 90 -11.28 -9.03 4.99
CA LEU B 90 -10.56 -8.79 3.73
C LEU B 90 -11.40 -9.14 2.56
N MET B 91 -12.18 -10.23 2.66
CA MET B 91 -13.08 -10.59 1.59
C MET B 91 -14.15 -9.45 1.44
N GLN B 92 -14.64 -8.93 2.56
CA GLN B 92 -15.68 -7.88 2.49
C GLN B 92 -15.08 -6.58 1.96
N ASP B 93 -13.85 -6.30 2.35
CA ASP B 93 -13.14 -5.12 1.83
C ASP B 93 -13.01 -5.19 0.35
N GLY B 94 -12.89 -6.38 -0.23
CA GLY B 94 -12.85 -6.55 -1.70
C GLY B 94 -14.19 -6.57 -2.43
N GLY B 95 -15.30 -6.52 -1.70
CA GLY B 95 -16.62 -6.45 -2.29
C GLY B 95 -17.49 -7.71 -2.15
N LEU B 96 -16.97 -8.79 -1.55
CA LEU B 96 -17.85 -9.93 -1.22
C LEU B 96 -18.80 -9.63 -0.06
N GLU B 97 -19.97 -10.26 -0.06
CA GLU B 97 -20.86 -10.13 1.07
C GLU B 97 -20.20 -10.91 2.21
N LYS B 98 -20.58 -10.60 3.44
CA LYS B 98 -20.21 -11.37 4.63
C LYS B 98 -20.39 -12.88 4.35
N PRO B 99 -19.34 -13.69 4.59
CA PRO B 99 -19.56 -15.09 4.36
C PRO B 99 -20.63 -15.69 5.28
N LYS B 100 -21.29 -16.73 4.81
CA LYS B 100 -22.31 -17.43 5.59
C LYS B 100 -21.79 -18.19 6.80
N PRO B 101 -20.68 -18.98 6.65
CA PRO B 101 -20.24 -19.68 7.89
C PRO B 101 -19.73 -18.73 8.94
N ARG B 102 -19.80 -19.13 10.20
CA ARG B 102 -19.13 -18.37 11.23
C ARG B 102 -17.63 -18.69 11.11
N PRO B 103 -16.77 -17.80 11.57
CA PRO B 103 -15.32 -18.18 11.46
C PRO B 103 -14.97 -19.45 12.20
N GLU B 104 -15.63 -19.66 13.33
CA GLU B 104 -15.48 -20.91 14.09
C GLU B 104 -15.76 -22.18 13.28
N ASP B 105 -16.71 -22.10 12.34
CA ASP B 105 -17.04 -23.25 11.41
C ASP B 105 -15.80 -23.65 10.55
N ILE B 106 -15.01 -22.65 10.13
CA ILE B 106 -13.79 -22.97 9.40
C ILE B 106 -12.72 -23.58 10.31
N VAL B 107 -12.52 -23.01 11.52
CA VAL B 107 -11.49 -23.46 12.41
C VAL B 107 -11.83 -24.92 12.87
N ASN B 108 -13.11 -25.20 12.96
CA ASN B 108 -13.56 -26.55 13.33
C ASN B 108 -13.66 -27.51 12.13
N CYS B 109 -13.09 -27.15 10.99
CA CYS B 109 -12.90 -28.02 9.83
C CYS B 109 -14.19 -28.57 9.26
N ASP B 110 -15.24 -27.78 9.33
CA ASP B 110 -16.48 -28.15 8.68
C ASP B 110 -16.31 -28.08 7.14
N LEU B 111 -16.28 -29.21 6.49
CA LEU B 111 -16.03 -29.23 5.07
C LEU B 111 -16.94 -28.35 4.19
N LYS B 112 -18.23 -28.42 4.38
CA LYS B 112 -19.16 -27.63 3.61
C LYS B 112 -18.90 -26.13 3.76
N SER B 113 -18.58 -25.68 4.99
CA SER B 113 -18.24 -24.29 5.23
C SER B 113 -16.96 -23.87 4.51
N THR B 114 -15.91 -24.69 4.64
CA THR B 114 -14.61 -24.47 3.98
C THR B 114 -14.81 -24.39 2.45
N LEU B 115 -15.51 -25.39 1.88
CA LEU B 115 -15.67 -25.37 0.42
C LEU B 115 -16.52 -24.21 -0.05
N ARG B 116 -17.49 -23.79 0.75
CA ARG B 116 -18.35 -22.63 0.32
C ARG B 116 -17.54 -21.30 0.25
N VAL B 117 -16.72 -21.12 1.26
CA VAL B 117 -15.80 -19.95 1.25
C VAL B 117 -14.85 -20.01 0.06
N LEU B 118 -14.24 -21.18 -0.19
CA LEU B 118 -13.26 -21.31 -1.25
C LEU B 118 -13.98 -21.18 -2.60
N TYR B 119 -15.18 -21.74 -2.70
CA TYR B 119 -15.90 -21.69 -3.97
C TYR B 119 -16.33 -20.23 -4.30
N ASN B 120 -16.68 -19.44 -3.32
CA ASN B 120 -16.99 -18.02 -3.59
C ASN B 120 -15.76 -17.22 -4.01
N LEU B 121 -14.59 -17.56 -3.48
CA LEU B 121 -13.30 -16.97 -3.98
C LEU B 121 -13.02 -17.35 -5.45
N PHE B 122 -13.16 -18.63 -5.75
CA PHE B 122 -12.88 -19.12 -7.09
C PHE B 122 -13.78 -18.41 -8.12
N THR B 123 -15.06 -18.33 -7.83
CA THR B 123 -16.00 -17.69 -8.74
C THR B 123 -15.64 -16.24 -9.05
N LYS B 124 -15.22 -15.49 -8.03
CA LYS B 124 -14.86 -14.08 -8.20
C LYS B 124 -13.50 -13.93 -8.81
N TYR B 125 -12.54 -14.75 -8.40
CA TYR B 125 -11.12 -14.54 -8.74
C TYR B 125 -10.48 -15.51 -9.70
N ARG B 126 -11.28 -16.37 -10.29
CA ARG B 126 -10.76 -17.43 -11.18
C ARG B 126 -9.92 -16.97 -12.38
N ASN B 127 -10.10 -15.74 -12.84
CA ASN B 127 -9.22 -15.15 -13.89
C ASN B 127 -8.00 -14.33 -13.46
N VAL B 128 -7.75 -14.21 -12.17
CA VAL B 128 -6.56 -13.56 -11.68
C VAL B 128 -5.31 -14.40 -12.03
N GLU B 129 -4.37 -13.74 -12.71
CA GLU B 129 -3.04 -14.33 -13.02
C GLU B 129 -2.16 -14.40 -11.78
#